data_3V8W
#
_entry.id   3V8W
#
_cell.length_a   146.080
_cell.length_b   69.290
_cell.length_c   68.580
_cell.angle_alpha   90.000
_cell.angle_beta   108.040
_cell.angle_gamma   90.000
#
_symmetry.space_group_name_H-M   'C 1 2 1'
#
loop_
_entity.id
_entity.type
_entity.pdbx_description
1 polymer 'Tyrosine-protein kinase ITK/TSK'
2 non-polymer 3-[2-(5-phenyl-2H-thieno[3,2-c]pyrazol-3-yl)-1H-indol-6-yl]pentan-3-ol
3 non-polymer 'SULFATE ION'
4 water water
#
_entity_poly.entity_id   1
_entity_poly.type   'polypeptide(L)'
_entity_poly.pdbx_seq_one_letter_code
;GSVIDPSELTFVQEIGSGQFGLVHLGYWLNKDKVAIKTIREGAMSEEDFIEEAEVMMKLSHPKLVQLYGVCLEQAPICLV
FEFMEHGCLSDYLRTQRGLFAAETLLGMCLDVCEGMAYLEEACVIHRDLAARNCLVGENQVIKVSDFGMTRFVLDDQYTS
STGTKFPVKWASPEVFSFSRYSSKSDVWSFGVLMWEVFSEGKIPYENRSNSEVVEDISTGFRLYKPRLASTHVYQIMNHC
WKERPEDRPAFSRLLRQLAEIAESGL
;
_entity_poly.pdbx_strand_id   A,B
#
loop_
_chem_comp.id
_chem_comp.type
_chem_comp.name
_chem_comp.formula
0G2 non-polymer 3-[2-(5-phenyl-2H-thieno[3,2-c]pyrazol-3-yl)-1H-indol-6-yl]pentan-3-ol 'C24 H23 N3 O S'
SO4 non-polymer 'SULFATE ION' 'O4 S -2'
#
# COMPACT_ATOMS: atom_id res chain seq x y z
N GLY A 1 1.48 13.04 -9.82
CA GLY A 1 0.71 12.98 -11.06
C GLY A 1 -0.49 12.04 -10.97
N SER A 2 -0.44 10.94 -11.75
CA SER A 2 -1.46 9.88 -11.85
C SER A 2 -2.86 10.44 -12.17
N VAL A 3 -3.09 10.80 -13.44
CA VAL A 3 -4.35 11.37 -13.90
C VAL A 3 -5.25 10.30 -14.53
N ILE A 4 -6.47 10.16 -14.02
CA ILE A 4 -7.49 9.21 -14.49
C ILE A 4 -8.58 9.95 -15.26
N ASP A 5 -8.93 9.45 -16.46
CA ASP A 5 -9.98 10.01 -17.32
C ASP A 5 -11.36 9.69 -16.71
N PRO A 6 -12.36 10.61 -16.75
CA PRO A 6 -13.68 10.30 -16.15
C PRO A 6 -14.43 9.10 -16.74
N SER A 7 -14.17 8.77 -18.02
CA SER A 7 -14.80 7.64 -18.72
C SER A 7 -14.34 6.27 -18.16
N GLU A 8 -13.14 6.23 -17.55
CA GLU A 8 -12.53 5.04 -16.95
C GLU A 8 -13.26 4.62 -15.67
N LEU A 9 -13.82 5.59 -14.94
CA LEU A 9 -14.54 5.37 -13.68
C LEU A 9 -16.01 5.05 -13.89
N THR A 10 -16.53 4.10 -13.09
CA THR A 10 -17.93 3.67 -13.12
C THR A 10 -18.51 3.78 -11.71
N PHE A 11 -19.46 4.71 -11.50
CA PHE A 11 -20.10 4.95 -10.21
C PHE A 11 -21.20 3.91 -9.95
N VAL A 12 -21.13 3.23 -8.79
CA VAL A 12 -22.08 2.17 -8.41
C VAL A 12 -23.07 2.63 -7.34
N GLN A 13 -22.57 3.01 -6.14
CA GLN A 13 -23.42 3.41 -5.00
C GLN A 13 -22.74 4.40 -4.07
N GLU A 14 -23.53 5.36 -3.53
CA GLU A 14 -23.06 6.36 -2.57
C GLU A 14 -22.90 5.63 -1.21
N ILE A 15 -21.68 5.66 -0.66
CA ILE A 15 -21.34 4.98 0.59
C ILE A 15 -20.96 5.90 1.77
N GLY A 16 -20.65 7.16 1.46
CA GLY A 16 -20.26 8.16 2.45
C GLY A 16 -20.64 9.58 2.08
N SER A 17 -20.67 10.47 3.11
CA SER A 17 -21.01 11.89 2.97
C SER A 17 -20.32 12.74 4.04
N GLY A 18 -20.04 13.99 3.70
CA GLY A 18 -19.38 14.95 4.58
C GLY A 18 -19.75 16.39 4.29
N GLY A 21 -16.96 16.27 1.13
CA GLY A 21 -17.74 15.83 -0.01
C GLY A 21 -18.37 14.45 0.16
N LEU A 22 -18.70 13.81 -0.98
CA LEU A 22 -19.33 12.48 -1.00
C LEU A 22 -18.34 11.36 -1.34
N VAL A 23 -18.59 10.16 -0.81
CA VAL A 23 -17.78 8.96 -1.05
C VAL A 23 -18.66 7.93 -1.78
N HIS A 24 -18.21 7.50 -2.97
CA HIS A 24 -18.92 6.53 -3.79
C HIS A 24 -18.13 5.25 -4.00
N LEU A 25 -18.84 4.11 -4.00
CA LEU A 25 -18.26 2.81 -4.31
C LEU A 25 -18.32 2.69 -5.82
N GLY A 26 -17.19 2.34 -6.43
CA GLY A 26 -17.10 2.22 -7.89
C GLY A 26 -16.06 1.28 -8.42
N TYR A 27 -15.85 1.34 -9.74
CA TYR A 27 -14.89 0.52 -10.46
C TYR A 27 -14.01 1.37 -11.38
N TRP A 28 -12.71 1.04 -11.44
CA TRP A 28 -11.75 1.69 -12.33
C TRP A 28 -11.35 0.68 -13.40
N LEU A 29 -11.59 1.04 -14.69
CA LEU A 29 -11.32 0.22 -15.88
C LEU A 29 -12.14 -1.09 -15.89
N ASN A 30 -13.33 -1.07 -15.22
CA ASN A 30 -14.28 -2.18 -15.06
C ASN A 30 -13.65 -3.45 -14.45
N LYS A 31 -12.72 -3.26 -13.49
CA LYS A 31 -12.01 -4.35 -12.83
C LYS A 31 -11.84 -4.19 -11.32
N ASP A 32 -11.10 -3.14 -10.88
CA ASP A 32 -10.80 -2.89 -9.47
C ASP A 32 -11.89 -2.15 -8.72
N LYS A 33 -12.19 -2.61 -7.49
CA LYS A 33 -13.16 -1.97 -6.58
C LYS A 33 -12.46 -0.72 -6.03
N VAL A 34 -13.06 0.45 -6.25
CA VAL A 34 -12.49 1.73 -5.81
C VAL A 34 -13.47 2.59 -5.00
N ALA A 35 -12.92 3.45 -4.13
CA ALA A 35 -13.69 4.41 -3.34
C ALA A 35 -13.39 5.79 -3.92
N ILE A 36 -14.43 6.43 -4.49
CA ILE A 36 -14.33 7.73 -5.15
C ILE A 36 -14.78 8.87 -4.24
N LYS A 37 -13.84 9.77 -3.87
CA LYS A 37 -14.09 10.93 -3.02
C LYS A 37 -14.25 12.19 -3.91
N THR A 38 -15.51 12.62 -4.11
CA THR A 38 -15.86 13.79 -4.93
C THR A 38 -15.94 15.07 -4.10
N ILE A 39 -15.62 16.24 -4.71
CA ILE A 39 -15.69 17.55 -4.03
C ILE A 39 -17.13 18.03 -3.83
N ARG A 40 -17.34 18.85 -2.79
CA ARG A 40 -18.64 19.43 -2.44
C ARG A 40 -19.00 20.59 -3.38
N GLY A 42 -18.79 23.99 -3.85
CA GLY A 42 -18.96 24.43 -2.47
C GLY A 42 -17.68 24.65 -1.72
N ALA A 43 -17.64 24.20 -0.45
CA ALA A 43 -16.49 24.33 0.46
C ALA A 43 -15.26 23.54 0.00
N MET A 44 -14.06 23.94 0.50
CA MET A 44 -12.72 23.39 0.22
C MET A 44 -12.22 23.70 -1.18
N SER A 45 -10.97 24.18 -1.27
CA SER A 45 -10.32 24.55 -2.53
C SER A 45 -9.92 23.33 -3.35
N GLU A 46 -10.11 23.40 -4.67
CA GLU A 46 -9.80 22.35 -5.64
C GLU A 46 -8.31 22.00 -5.68
N GLU A 47 -7.42 23.02 -5.54
CA GLU A 47 -5.97 22.86 -5.58
C GLU A 47 -5.43 22.16 -4.33
N ASP A 48 -5.96 22.52 -3.13
CA ASP A 48 -5.60 21.96 -1.82
C ASP A 48 -5.98 20.47 -1.74
N PHE A 49 -7.09 20.11 -2.41
CA PHE A 49 -7.64 18.76 -2.50
C PHE A 49 -6.69 17.85 -3.29
N ILE A 50 -5.98 18.43 -4.28
CA ILE A 50 -4.99 17.77 -5.14
C ILE A 50 -3.61 17.78 -4.45
N GLU A 51 -3.30 18.87 -3.71
CA GLU A 51 -2.06 19.05 -2.96
C GLU A 51 -1.91 17.97 -1.88
N GLU A 52 -3.02 17.58 -1.23
CA GLU A 52 -3.06 16.54 -0.21
C GLU A 52 -2.88 15.15 -0.84
N ALA A 53 -3.42 14.95 -2.07
CA ALA A 53 -3.33 13.71 -2.84
C ALA A 53 -1.90 13.41 -3.29
N GLU A 54 -1.13 14.47 -3.63
CA GLU A 54 0.28 14.36 -4.07
C GLU A 54 1.17 13.91 -2.90
N VAL A 55 0.84 14.36 -1.68
CA VAL A 55 1.55 14.02 -0.43
C VAL A 55 1.25 12.55 -0.08
N MET A 56 -0.04 12.15 -0.17
CA MET A 56 -0.52 10.79 0.12
C MET A 56 0.05 9.74 -0.84
N MET A 57 0.33 10.11 -2.10
CA MET A 57 0.90 9.22 -3.11
C MET A 57 2.42 9.05 -2.98
N LYS A 58 3.07 9.90 -2.18
CA LYS A 58 4.52 9.87 -1.93
C LYS A 58 4.89 9.10 -0.66
N LEU A 59 3.91 8.84 0.24
CA LEU A 59 4.12 8.13 1.50
C LEU A 59 3.63 6.68 1.41
N SER A 60 4.56 5.71 1.42
CA SER A 60 4.26 4.29 1.32
C SER A 60 4.48 3.52 2.62
N HIS A 61 3.39 3.01 3.21
CA HIS A 61 3.39 2.22 4.45
C HIS A 61 2.17 1.29 4.46
N PRO A 62 2.30 0.01 4.90
CA PRO A 62 1.14 -0.89 4.91
C PRO A 62 -0.05 -0.49 5.77
N LYS A 63 0.14 0.52 6.65
CA LYS A 63 -0.91 1.02 7.55
C LYS A 63 -1.45 2.40 7.16
N LEU A 64 -1.26 2.79 5.89
CA LEU A 64 -1.75 4.04 5.30
C LEU A 64 -2.54 3.72 4.03
N VAL A 65 -3.68 4.42 3.82
CA VAL A 65 -4.56 4.24 2.65
C VAL A 65 -3.85 4.71 1.38
N GLN A 66 -3.91 3.88 0.33
CA GLN A 66 -3.27 4.15 -0.96
C GLN A 66 -4.24 4.71 -1.99
N LEU A 67 -3.74 5.61 -2.85
CA LEU A 67 -4.50 6.25 -3.91
C LEU A 67 -4.10 5.71 -5.29
N TYR A 68 -5.11 5.40 -6.13
CA TYR A 68 -4.90 4.90 -7.49
C TYR A 68 -4.54 6.06 -8.43
N GLY A 69 -5.24 7.19 -8.28
CA GLY A 69 -5.02 8.39 -9.08
C GLY A 69 -6.03 9.50 -8.81
N VAL A 70 -5.98 10.55 -9.65
CA VAL A 70 -6.85 11.74 -9.55
C VAL A 70 -7.59 12.07 -10.86
N CYS A 71 -8.87 12.42 -10.76
CA CYS A 71 -9.69 12.82 -11.91
C CYS A 71 -9.75 14.34 -11.94
N LEU A 72 -9.21 14.94 -13.02
CA LEU A 72 -9.08 16.38 -13.17
C LEU A 72 -9.95 17.02 -14.26
N GLU A 73 -10.21 16.26 -15.35
CA GLU A 73 -10.98 16.70 -16.53
C GLU A 73 -12.34 17.34 -16.24
N GLN A 74 -13.31 16.56 -15.72
CA GLN A 74 -14.66 17.03 -15.44
C GLN A 74 -14.88 17.43 -13.98
N ALA A 75 -15.58 18.55 -13.76
CA ALA A 75 -15.94 19.07 -12.44
C ALA A 75 -17.33 18.51 -12.05
N PRO A 76 -17.56 18.03 -10.80
CA PRO A 76 -16.65 18.02 -9.63
C PRO A 76 -15.50 17.00 -9.72
N ILE A 77 -14.29 17.46 -9.37
CA ILE A 77 -13.05 16.66 -9.36
C ILE A 77 -13.10 15.59 -8.26
N CYS A 78 -12.40 14.45 -8.46
CA CYS A 78 -12.41 13.36 -7.49
C CYS A 78 -11.10 12.60 -7.31
N LEU A 79 -10.93 12.00 -6.12
CA LEU A 79 -9.78 11.18 -5.74
C LEU A 79 -10.17 9.70 -5.83
N VAL A 80 -9.31 8.88 -6.44
CA VAL A 80 -9.56 7.44 -6.62
C VAL A 80 -8.74 6.65 -5.59
N PHE A 81 -9.40 6.25 -4.48
CA PHE A 81 -8.80 5.49 -3.39
C PHE A 81 -9.05 3.99 -3.53
N GLU A 82 -8.26 3.18 -2.81
CA GLU A 82 -8.44 1.72 -2.76
C GLU A 82 -9.67 1.43 -1.89
N PHE A 83 -10.49 0.44 -2.27
CA PHE A 83 -11.68 0.13 -1.49
C PHE A 83 -11.39 -0.68 -0.24
N MET A 84 -11.82 -0.17 0.92
CA MET A 84 -11.69 -0.83 2.21
C MET A 84 -13.03 -1.46 2.54
N GLU A 85 -13.07 -2.82 2.54
CA GLU A 85 -14.25 -3.67 2.73
C GLU A 85 -15.20 -3.29 3.87
N HIS A 86 -14.66 -3.01 5.07
CA HIS A 86 -15.47 -2.70 6.25
C HIS A 86 -15.68 -1.22 6.57
N GLY A 87 -15.06 -0.35 5.77
CA GLY A 87 -15.18 1.11 5.86
C GLY A 87 -14.66 1.74 7.13
N CYS A 88 -15.32 2.84 7.54
CA CYS A 88 -15.03 3.67 8.70
C CYS A 88 -14.90 2.89 10.01
N LEU A 89 -13.81 3.11 10.76
CA LEU A 89 -13.52 2.45 12.03
C LEU A 89 -14.55 2.73 13.13
N SER A 90 -14.94 4.01 13.31
CA SER A 90 -15.92 4.44 14.31
C SER A 90 -17.27 3.73 14.11
N ASP A 91 -17.72 3.61 12.85
CA ASP A 91 -18.97 2.95 12.47
C ASP A 91 -18.87 1.42 12.61
N TYR A 92 -17.68 0.84 12.31
CA TYR A 92 -17.41 -0.60 12.40
C TYR A 92 -17.44 -1.08 13.86
N LEU A 93 -16.95 -0.23 14.79
CA LEU A 93 -16.92 -0.51 16.22
C LEU A 93 -18.33 -0.54 16.83
N ARG A 94 -19.22 0.37 16.37
CA ARG A 94 -20.61 0.49 16.82
C ARG A 94 -21.48 -0.67 16.34
N THR A 95 -21.32 -1.08 15.06
CA THR A 95 -22.08 -2.18 14.44
C THR A 95 -21.72 -3.55 15.01
N GLN A 96 -20.42 -3.78 15.30
CA GLN A 96 -19.91 -5.04 15.84
C GLN A 96 -19.62 -4.95 17.36
N ARG A 97 -20.33 -4.04 18.07
CA ARG A 97 -20.21 -3.81 19.52
C ARG A 97 -20.63 -5.05 20.32
N GLY A 98 -19.78 -5.44 21.27
CA GLY A 98 -20.00 -6.60 22.12
C GLY A 98 -19.39 -7.89 21.58
N LEU A 99 -18.96 -7.88 20.31
CA LEU A 99 -18.36 -9.02 19.62
C LEU A 99 -16.83 -8.96 19.61
N PHE A 100 -16.26 -7.83 20.08
CA PHE A 100 -14.81 -7.60 20.12
C PHE A 100 -14.18 -8.09 21.42
N ALA A 101 -12.95 -8.61 21.30
CA ALA A 101 -12.12 -9.05 22.43
C ALA A 101 -11.08 -7.97 22.70
N ALA A 102 -10.51 -7.94 23.93
CA ALA A 102 -9.49 -6.97 24.34
C ALA A 102 -8.24 -7.01 23.47
N GLU A 103 -7.83 -8.22 23.04
CA GLU A 103 -6.67 -8.45 22.17
C GLU A 103 -6.87 -7.85 20.77
N THR A 104 -8.11 -7.94 20.23
CA THR A 104 -8.49 -7.42 18.92
C THR A 104 -8.48 -5.88 18.93
N LEU A 105 -9.00 -5.25 20.00
CA LEU A 105 -9.06 -3.80 20.17
C LEU A 105 -7.67 -3.19 20.31
N LEU A 106 -6.75 -3.89 21.00
CA LEU A 106 -5.36 -3.47 21.18
C LEU A 106 -4.59 -3.59 19.86
N GLY A 107 -4.93 -4.59 19.06
CA GLY A 107 -4.35 -4.85 17.75
C GLY A 107 -4.67 -3.75 16.76
N MET A 108 -5.87 -3.14 16.89
CA MET A 108 -6.35 -2.02 16.07
C MET A 108 -5.55 -0.75 16.39
N CYS A 109 -5.27 -0.52 17.69
CA CYS A 109 -4.50 0.62 18.19
C CYS A 109 -3.05 0.54 17.75
N LEU A 110 -2.49 -0.68 17.66
CA LEU A 110 -1.13 -0.96 17.20
C LEU A 110 -0.99 -0.69 15.70
N ASP A 111 -2.07 -0.91 14.92
CA ASP A 111 -2.13 -0.65 13.47
C ASP A 111 -2.05 0.86 13.19
N VAL A 112 -2.81 1.66 13.95
CA VAL A 112 -2.85 3.13 13.84
C VAL A 112 -1.49 3.71 14.25
N CYS A 113 -0.90 3.19 15.35
CA CYS A 113 0.40 3.61 15.88
C CYS A 113 1.55 3.30 14.91
N GLU A 114 1.41 2.24 14.09
CA GLU A 114 2.38 1.83 13.07
C GLU A 114 2.48 2.87 11.95
N GLY A 115 1.32 3.30 11.45
CA GLY A 115 1.19 4.30 10.40
C GLY A 115 1.61 5.68 10.86
N MET A 116 1.27 6.02 12.12
CA MET A 116 1.62 7.31 12.74
C MET A 116 3.11 7.44 13.05
N ALA A 117 3.80 6.30 13.31
CA ALA A 117 5.25 6.27 13.57
C ALA A 117 6.02 6.57 12.28
N TYR A 118 5.48 6.13 11.13
CA TYR A 118 6.03 6.36 9.80
C TYR A 118 5.91 7.85 9.44
N LEU A 119 4.74 8.46 9.71
CA LEU A 119 4.45 9.88 9.46
C LEU A 119 5.29 10.79 10.35
N GLU A 120 5.62 10.34 11.58
CA GLU A 120 6.45 11.05 12.56
C GLU A 120 7.89 11.16 12.05
N GLU A 121 8.44 10.04 11.52
CA GLU A 121 9.80 9.96 10.95
C GLU A 121 9.90 10.78 9.67
N ALA A 122 8.82 10.78 8.85
CA ALA A 122 8.74 11.52 7.58
C ALA A 122 8.37 13.01 7.80
N CYS A 123 8.16 13.40 9.08
CA CYS A 123 7.80 14.75 9.53
C CYS A 123 6.52 15.31 8.91
N VAL A 124 5.44 14.51 8.99
CA VAL A 124 4.11 14.85 8.48
C VAL A 124 3.11 14.85 9.64
N ILE A 125 2.43 15.99 9.86
CA ILE A 125 1.44 16.16 10.92
C ILE A 125 0.05 15.86 10.34
N HIS A 126 -0.71 14.95 10.97
CA HIS A 126 -2.04 14.53 10.55
C HIS A 126 -3.08 15.64 10.69
N ARG A 127 -3.04 16.39 11.82
CA ARG A 127 -3.93 17.52 12.19
C ARG A 127 -5.37 17.16 12.58
N ASP A 128 -5.89 15.99 12.13
CA ASP A 128 -7.24 15.55 12.44
C ASP A 128 -7.33 14.01 12.59
N LEU A 129 -6.54 13.46 13.53
CA LEU A 129 -6.51 12.02 13.79
C LEU A 129 -7.67 11.59 14.69
N ALA A 130 -8.60 10.79 14.13
CA ALA A 130 -9.79 10.29 14.80
C ALA A 130 -10.22 8.94 14.21
N ALA A 131 -11.10 8.20 14.93
CA ALA A 131 -11.64 6.90 14.51
C ALA A 131 -12.44 7.01 13.21
N ARG A 132 -13.03 8.21 12.96
CA ARG A 132 -13.79 8.51 11.74
C ARG A 132 -12.89 8.60 10.49
N ASN A 133 -11.59 8.95 10.70
CA ASN A 133 -10.58 9.08 9.66
C ASN A 133 -9.70 7.82 9.49
N CYS A 134 -10.14 6.70 10.11
CA CYS A 134 -9.47 5.40 10.04
C CYS A 134 -10.37 4.39 9.33
N LEU A 135 -9.78 3.57 8.44
CA LEU A 135 -10.53 2.59 7.67
C LEU A 135 -10.18 1.14 7.99
N VAL A 136 -11.17 0.24 7.88
CA VAL A 136 -11.06 -1.18 8.15
C VAL A 136 -11.10 -1.96 6.82
N GLY A 137 -10.09 -2.79 6.59
CA GLY A 137 -9.98 -3.63 5.41
C GLY A 137 -10.23 -5.09 5.76
N GLU A 138 -9.69 -6.01 4.95
CA GLU A 138 -9.84 -7.45 5.19
C GLU A 138 -8.96 -7.92 6.33
N ASN A 139 -9.47 -8.89 7.12
CA ASN A 139 -8.83 -9.48 8.31
C ASN A 139 -8.63 -8.46 9.46
N GLN A 140 -9.55 -7.46 9.53
CA GLN A 140 -9.60 -6.37 10.52
C GLN A 140 -8.36 -5.46 10.57
N VAL A 141 -7.70 -5.27 9.41
CA VAL A 141 -6.51 -4.41 9.28
C VAL A 141 -6.98 -2.95 9.24
N ILE A 142 -6.36 -2.09 10.09
CA ILE A 142 -6.70 -0.68 10.19
C ILE A 142 -5.67 0.19 9.47
N LYS A 143 -6.14 1.09 8.60
CA LYS A 143 -5.30 2.02 7.85
C LYS A 143 -5.71 3.47 8.14
N VAL A 144 -4.71 4.37 8.19
CA VAL A 144 -4.88 5.79 8.47
C VAL A 144 -5.18 6.54 7.16
N SER A 145 -6.24 7.36 7.16
CA SER A 145 -6.67 8.16 6.01
C SER A 145 -6.66 9.66 6.37
N ASP A 146 -6.84 10.54 5.35
CA ASP A 146 -6.86 12.02 5.48
C ASP A 146 -5.56 12.60 6.07
N PHE A 147 -4.41 11.95 5.79
CA PHE A 147 -3.09 12.35 6.28
C PHE A 147 -2.38 13.39 5.40
N GLY A 148 -2.96 13.69 4.23
CA GLY A 148 -2.43 14.66 3.28
C GLY A 148 -2.54 16.09 3.76
N PRO A 167 -13.44 20.64 15.48
CA PRO A 167 -13.20 19.37 16.19
C PRO A 167 -12.14 19.52 17.30
N VAL A 168 -12.57 20.07 18.45
CA VAL A 168 -11.71 20.31 19.62
C VAL A 168 -11.59 19.11 20.57
N LYS A 169 -12.50 18.11 20.46
CA LYS A 169 -12.55 16.91 21.27
C LYS A 169 -11.28 16.05 21.12
N TRP A 170 -10.69 16.03 19.91
CA TRP A 170 -9.46 15.29 19.58
C TRP A 170 -8.22 16.20 19.68
N ALA A 171 -8.43 17.53 19.76
CA ALA A 171 -7.37 18.54 19.84
C ALA A 171 -6.69 18.63 21.20
N SER A 172 -5.39 18.98 21.20
CA SER A 172 -4.54 19.15 22.37
C SER A 172 -4.59 20.61 22.87
N PRO A 173 -4.22 20.93 24.15
CA PRO A 173 -4.28 22.33 24.61
C PRO A 173 -3.54 23.37 23.77
N GLU A 174 -2.47 22.95 23.07
CA GLU A 174 -1.68 23.82 22.17
C GLU A 174 -2.46 24.15 20.91
N VAL A 175 -3.33 23.21 20.46
CA VAL A 175 -4.15 23.34 19.24
C VAL A 175 -5.39 24.23 19.45
N PHE A 176 -6.22 23.93 20.47
CA PHE A 176 -7.44 24.70 20.72
C PHE A 176 -7.26 26.11 21.33
N SER A 177 -6.01 26.47 21.71
CA SER A 177 -5.72 27.78 22.31
C SER A 177 -4.70 28.61 21.52
N PHE A 178 -3.64 27.96 21.00
CA PHE A 178 -2.56 28.65 20.27
C PHE A 178 -2.31 28.13 18.85
N SER A 179 -3.02 27.05 18.44
CA SER A 179 -2.93 26.38 17.13
C SER A 179 -1.50 25.88 16.78
N ARG A 180 -0.79 25.32 17.78
CA ARG A 180 0.56 24.79 17.63
C ARG A 180 0.51 23.30 17.25
N TYR A 181 0.75 22.99 15.96
CA TYR A 181 0.72 21.62 15.45
C TYR A 181 2.11 20.99 15.40
N SER A 182 2.20 19.76 15.94
CA SER A 182 3.44 18.96 16.00
C SER A 182 3.09 17.47 16.05
N SER A 183 4.11 16.59 16.11
CA SER A 183 3.94 15.14 16.21
C SER A 183 3.36 14.75 17.58
N LYS A 184 3.64 15.57 18.62
CA LYS A 184 3.15 15.38 19.98
C LYS A 184 1.67 15.74 20.14
N SER A 185 1.15 16.62 19.26
CA SER A 185 -0.28 17.01 19.27
C SER A 185 -1.13 15.88 18.68
N ASP A 186 -0.55 15.09 17.74
CA ASP A 186 -1.19 13.93 17.11
C ASP A 186 -1.23 12.76 18.11
N VAL A 187 -0.29 12.75 19.08
CA VAL A 187 -0.18 11.76 20.16
C VAL A 187 -1.41 11.91 21.07
N TRP A 188 -1.82 13.17 21.36
CA TRP A 188 -3.01 13.50 22.15
C TRP A 188 -4.25 12.97 21.42
N SER A 189 -4.31 13.16 20.08
CA SER A 189 -5.39 12.70 19.21
C SER A 189 -5.47 11.17 19.20
N PHE A 190 -4.30 10.49 19.25
CA PHE A 190 -4.18 9.03 19.30
C PHE A 190 -4.72 8.49 20.63
N GLY A 191 -4.54 9.25 21.70
CA GLY A 191 -5.03 8.93 23.03
C GLY A 191 -6.55 8.91 23.06
N VAL A 192 -7.18 9.90 22.38
CA VAL A 192 -8.64 10.03 22.22
C VAL A 192 -9.13 8.92 21.27
N LEU A 193 -8.33 8.57 20.24
CA LEU A 193 -8.61 7.51 19.27
C LEU A 193 -8.64 6.16 20.00
N MET A 194 -7.65 5.93 20.91
CA MET A 194 -7.53 4.72 21.74
C MET A 194 -8.76 4.53 22.61
N TRP A 195 -9.34 5.64 23.11
CA TRP A 195 -10.55 5.65 23.94
C TRP A 195 -11.75 5.20 23.12
N GLU A 196 -11.89 5.69 21.87
CA GLU A 196 -12.97 5.35 20.94
C GLU A 196 -12.98 3.86 20.58
N VAL A 197 -11.79 3.24 20.46
CA VAL A 197 -11.62 1.81 20.13
C VAL A 197 -12.08 0.92 21.30
N PHE A 198 -11.51 1.13 22.50
CA PHE A 198 -11.84 0.35 23.69
C PHE A 198 -13.27 0.54 24.24
N SER A 199 -13.91 1.69 23.92
CA SER A 199 -15.30 1.98 24.31
C SER A 199 -16.27 1.50 23.22
N GLU A 200 -15.74 0.90 22.15
CA GLU A 200 -16.44 0.33 20.99
C GLU A 200 -17.30 1.34 20.20
N GLY A 201 -16.65 2.44 19.78
CA GLY A 201 -17.25 3.49 18.96
C GLY A 201 -18.05 4.56 19.69
N LYS A 202 -17.74 4.81 20.97
CA LYS A 202 -18.43 5.83 21.76
C LYS A 202 -17.92 7.23 21.42
N ILE A 203 -18.83 8.23 21.43
CA ILE A 203 -18.54 9.63 21.14
C ILE A 203 -17.76 10.27 22.31
N PRO A 204 -16.57 10.88 22.07
CA PRO A 204 -15.85 11.53 23.18
C PRO A 204 -16.45 12.89 23.53
N TYR A 205 -16.70 13.12 24.84
CA TYR A 205 -17.30 14.34 25.40
C TYR A 205 -18.69 14.62 24.79
N GLU A 206 -19.59 13.62 24.88
CA GLU A 206 -20.95 13.69 24.33
C GLU A 206 -21.88 14.54 25.19
N ARG A 208 -22.08 17.77 25.03
CA ARG A 208 -21.17 18.82 25.48
C ARG A 208 -20.67 19.66 24.30
N SER A 209 -20.75 21.01 24.42
CA SER A 209 -20.32 21.96 23.41
C SER A 209 -18.79 22.12 23.36
N ASN A 210 -18.26 22.83 22.32
CA ASN A 210 -16.83 23.06 22.09
C ASN A 210 -16.11 23.79 23.24
N SER A 211 -16.63 24.98 23.64
CA SER A 211 -16.06 25.80 24.72
C SER A 211 -16.23 25.16 26.11
N GLU A 212 -17.18 24.22 26.25
CA GLU A 212 -17.43 23.51 27.51
C GLU A 212 -16.33 22.49 27.78
N VAL A 213 -15.91 21.75 26.74
CA VAL A 213 -14.85 20.74 26.79
C VAL A 213 -13.45 21.36 26.81
N VAL A 214 -13.27 22.50 26.09
CA VAL A 214 -12.01 23.25 26.02
C VAL A 214 -11.62 23.85 27.38
N GLU A 215 -12.61 24.12 28.25
CA GLU A 215 -12.45 24.64 29.60
C GLU A 215 -12.37 23.47 30.60
N ASP A 216 -12.97 22.31 30.26
CA ASP A 216 -12.98 21.10 31.06
C ASP A 216 -11.61 20.43 31.11
N ILE A 217 -10.92 20.37 29.94
CA ILE A 217 -9.58 19.77 29.79
C ILE A 217 -8.51 20.53 30.58
N SER A 218 -8.54 21.88 30.54
CA SER A 218 -7.61 22.78 31.24
C SER A 218 -7.76 22.68 32.76
N THR A 219 -8.99 22.39 33.25
CA THR A 219 -9.29 22.22 34.67
C THR A 219 -8.68 20.93 35.24
N GLY A 220 -8.51 19.93 34.37
CA GLY A 220 -7.93 18.64 34.74
C GLY A 220 -8.80 17.43 34.44
N PHE A 221 -9.94 17.66 33.76
CA PHE A 221 -10.87 16.59 33.40
C PHE A 221 -10.49 15.93 32.08
N ARG A 222 -10.40 14.58 32.09
CA ARG A 222 -10.06 13.74 30.94
C ARG A 222 -11.22 12.74 30.66
N LEU A 223 -11.08 11.91 29.61
CA LEU A 223 -12.09 10.89 29.28
C LEU A 223 -12.00 9.74 30.29
N TYR A 224 -13.17 9.18 30.69
CA TYR A 224 -13.29 8.07 31.65
C TYR A 224 -12.67 6.76 31.16
N LYS A 225 -12.40 5.81 32.08
CA LYS A 225 -11.80 4.51 31.75
C LYS A 225 -12.84 3.55 31.12
N PRO A 226 -12.62 3.09 29.86
CA PRO A 226 -13.58 2.14 29.27
C PRO A 226 -13.45 0.75 29.89
N ARG A 227 -14.58 0.01 29.94
CA ARG A 227 -14.70 -1.34 30.51
C ARG A 227 -13.69 -2.35 29.91
N LEU A 228 -13.54 -2.35 28.58
CA LEU A 228 -12.64 -3.26 27.86
C LEU A 228 -11.15 -2.98 28.09
N ALA A 229 -10.79 -1.69 28.27
CA ALA A 229 -9.40 -1.26 28.49
C ALA A 229 -8.89 -1.65 29.88
N SER A 230 -7.62 -2.06 29.96
CA SER A 230 -6.98 -2.45 31.21
C SER A 230 -6.28 -1.24 31.87
N THR A 231 -5.65 -1.47 33.06
CA THR A 231 -4.93 -0.44 33.81
C THR A 231 -3.70 0.06 33.01
N HIS A 232 -2.97 -0.86 32.37
CA HIS A 232 -1.79 -0.56 31.55
C HIS A 232 -2.16 0.19 30.28
N VAL A 233 -3.32 -0.15 29.67
CA VAL A 233 -3.84 0.48 28.45
C VAL A 233 -4.26 1.93 28.75
N TYR A 234 -5.02 2.14 29.85
CA TYR A 234 -5.48 3.47 30.28
C TYR A 234 -4.32 4.37 30.73
N GLN A 235 -3.23 3.78 31.25
CA GLN A 235 -2.02 4.49 31.69
C GLN A 235 -1.34 5.14 30.48
N ILE A 236 -1.26 4.41 29.34
CA ILE A 236 -0.68 4.89 28.09
C ILE A 236 -1.52 6.04 27.51
N MET A 237 -2.87 5.95 27.64
CA MET A 237 -3.83 6.96 27.21
C MET A 237 -3.58 8.28 27.94
N ASN A 238 -3.32 8.21 29.27
CA ASN A 238 -3.03 9.37 30.13
C ASN A 238 -1.68 10.00 29.80
N HIS A 239 -0.70 9.20 29.34
CA HIS A 239 0.63 9.68 28.94
C HIS A 239 0.52 10.49 27.65
N CYS A 240 -0.46 10.13 26.79
CA CYS A 240 -0.79 10.84 25.56
C CYS A 240 -1.55 12.12 25.93
N TRP A 241 -2.29 12.07 27.06
CA TRP A 241 -3.10 13.17 27.59
C TRP A 241 -2.36 14.10 28.58
N LYS A 242 -1.01 14.14 28.51
CA LYS A 242 -0.19 15.02 29.35
C LYS A 242 -0.35 16.47 28.88
N GLU A 243 -0.38 17.43 29.82
CA GLU A 243 -0.55 18.86 29.55
C GLU A 243 0.56 19.45 28.66
N ARG A 244 1.83 19.07 28.92
CA ARG A 244 2.99 19.52 28.17
C ARG A 244 3.28 18.57 26.99
N PRO A 245 3.62 19.10 25.78
CA PRO A 245 3.91 18.21 24.64
C PRO A 245 5.15 17.35 24.83
N GLU A 246 6.18 17.90 25.51
CA GLU A 246 7.46 17.22 25.79
C GLU A 246 7.30 16.01 26.74
N ASP A 247 6.29 16.04 27.62
CA ASP A 247 5.99 14.96 28.57
C ASP A 247 5.33 13.76 27.90
N ARG A 248 4.67 13.98 26.74
CA ARG A 248 3.99 12.95 25.95
C ARG A 248 5.01 12.07 25.21
N PRO A 249 4.81 10.73 25.15
CA PRO A 249 5.77 9.90 24.41
C PRO A 249 5.57 9.94 22.90
N ALA A 250 6.66 9.77 22.13
CA ALA A 250 6.64 9.76 20.67
C ALA A 250 5.99 8.47 20.17
N PHE A 251 5.43 8.49 18.93
CA PHE A 251 4.78 7.32 18.32
C PHE A 251 5.68 6.10 18.22
N SER A 252 7.00 6.33 18.05
CA SER A 252 8.03 5.28 17.99
C SER A 252 8.13 4.56 19.34
N ARG A 253 8.04 5.32 20.46
CA ARG A 253 8.09 4.77 21.82
C ARG A 253 6.75 4.08 22.17
N LEU A 254 5.62 4.72 21.84
CA LEU A 254 4.26 4.21 22.07
C LEU A 254 4.01 2.85 21.44
N LEU A 255 4.59 2.62 20.24
CA LEU A 255 4.50 1.37 19.48
C LEU A 255 5.07 0.19 20.26
N ARG A 256 6.27 0.37 20.87
CA ARG A 256 6.92 -0.65 21.69
C ARG A 256 6.21 -0.87 23.02
N GLN A 257 5.62 0.19 23.59
CA GLN A 257 4.87 0.15 24.86
C GLN A 257 3.55 -0.63 24.69
N LEU A 258 2.85 -0.42 23.55
CA LEU A 258 1.61 -1.12 23.21
C LEU A 258 1.85 -2.59 22.87
N ALA A 259 3.03 -2.89 22.28
CA ALA A 259 3.42 -4.25 21.90
C ALA A 259 3.73 -5.11 23.13
N GLU A 260 4.27 -4.48 24.21
CA GLU A 260 4.61 -5.13 25.48
C GLU A 260 3.36 -5.65 26.22
N ILE A 261 2.22 -4.93 26.09
CA ILE A 261 0.93 -5.30 26.70
C ILE A 261 0.37 -6.52 25.96
N ALA A 262 0.44 -6.53 24.61
CA ALA A 262 -0.04 -7.62 23.76
C ALA A 262 0.75 -8.91 23.98
N GLU A 263 2.05 -8.80 24.31
CA GLU A 263 2.94 -9.93 24.57
C GLU A 263 2.64 -10.59 25.93
N SER A 264 2.25 -9.79 26.94
CA SER A 264 1.94 -10.27 28.28
C SER A 264 0.45 -10.20 28.64
N GLY A 265 -0.05 -9.00 28.97
CA GLY A 265 -1.43 -8.76 29.34
C GLY A 265 -1.60 -7.65 30.35
N GLY B 1 14.03 6.30 5.99
CA GLY B 1 14.44 5.85 7.31
C GLY B 1 13.80 4.55 7.72
N SER B 2 12.90 4.62 8.74
CA SER B 2 12.15 3.49 9.33
C SER B 2 13.06 2.33 9.79
N VAL B 3 13.73 2.51 10.93
CA VAL B 3 14.65 1.52 11.50
C VAL B 3 13.94 0.59 12.51
N ILE B 4 14.16 -0.74 12.35
CA ILE B 4 13.59 -1.79 13.20
C ILE B 4 14.70 -2.54 13.95
N ASP B 5 14.54 -2.69 15.28
CA ASP B 5 15.47 -3.40 16.15
C ASP B 5 15.38 -4.92 15.87
N PRO B 6 16.51 -5.68 15.87
CA PRO B 6 16.43 -7.13 15.59
C PRO B 6 15.58 -7.95 16.56
N SER B 7 15.42 -7.48 17.82
CA SER B 7 14.62 -8.13 18.85
C SER B 7 13.11 -8.09 18.54
N GLU B 8 12.68 -7.07 17.76
CA GLU B 8 11.29 -6.87 17.34
C GLU B 8 10.83 -7.91 16.31
N LEU B 9 11.78 -8.48 15.55
CA LEU B 9 11.50 -9.48 14.52
C LEU B 9 11.61 -10.90 15.03
N THR B 10 10.65 -11.76 14.65
CA THR B 10 10.58 -13.17 15.02
C THR B 10 10.62 -13.99 13.73
N PHE B 11 11.64 -14.86 13.58
CA PHE B 11 11.80 -15.73 12.41
C PHE B 11 11.04 -17.04 12.60
N VAL B 12 10.13 -17.36 11.65
CA VAL B 12 9.30 -18.56 11.71
C VAL B 12 9.77 -19.67 10.75
N GLN B 13 9.76 -19.41 9.42
CA GLN B 13 10.14 -20.41 8.42
C GLN B 13 10.75 -19.78 7.16
N GLU B 14 11.77 -20.44 6.59
CA GLU B 14 12.44 -20.05 5.34
C GLU B 14 11.46 -20.34 4.20
N ILE B 15 11.10 -19.31 3.43
CA ILE B 15 10.14 -19.40 2.32
C ILE B 15 10.73 -19.19 0.92
N GLY B 16 11.90 -18.55 0.84
CA GLY B 16 12.58 -18.27 -0.42
C GLY B 16 14.08 -18.16 -0.32
N SER B 17 14.76 -18.30 -1.49
CA SER B 17 16.22 -18.22 -1.62
C SER B 17 16.62 -17.64 -2.98
N GLY B 18 17.68 -16.84 -2.99
CA GLY B 18 18.20 -16.19 -4.18
C GLY B 18 19.70 -15.92 -4.10
N GLY B 21 19.76 -13.00 -1.56
CA GLY B 21 19.71 -13.51 -0.20
C GLY B 21 18.55 -14.47 0.06
N LEU B 22 18.22 -14.66 1.35
CA LEU B 22 17.15 -15.55 1.79
C LEU B 22 15.87 -14.79 2.18
N VAL B 23 14.70 -15.41 1.93
CA VAL B 23 13.38 -14.86 2.25
C VAL B 23 12.74 -15.73 3.35
N HIS B 24 12.38 -15.11 4.49
CA HIS B 24 11.79 -15.78 5.63
C HIS B 24 10.41 -15.24 6.00
N LEU B 25 9.50 -16.14 6.41
CA LEU B 25 8.18 -15.80 6.90
C LEU B 25 8.38 -15.52 8.40
N GLY B 26 7.86 -14.39 8.86
CA GLY B 26 8.00 -14.01 10.26
C GLY B 26 6.96 -13.06 10.80
N TYR B 27 7.22 -12.56 12.03
CA TYR B 27 6.35 -11.63 12.75
C TYR B 27 7.11 -10.42 13.26
N TRP B 28 6.52 -9.23 13.10
CA TRP B 28 7.09 -7.98 13.61
C TRP B 28 6.22 -7.52 14.79
N LEU B 29 6.85 -7.35 15.97
CA LEU B 29 6.23 -6.99 17.26
C LEU B 29 5.18 -8.01 17.72
N ASN B 30 5.38 -9.30 17.32
CA ASN B 30 4.52 -10.46 17.61
C ASN B 30 3.04 -10.25 17.23
N LYS B 31 2.80 -9.59 16.08
CA LYS B 31 1.45 -9.30 15.60
C LYS B 31 1.29 -9.49 14.07
N ASP B 32 1.95 -8.64 13.27
CA ASP B 32 1.84 -8.64 11.81
C ASP B 32 2.73 -9.67 11.12
N LYS B 33 2.17 -10.34 10.10
CA LYS B 33 2.90 -11.32 9.27
C LYS B 33 3.82 -10.52 8.34
N VAL B 34 5.13 -10.80 8.40
CA VAL B 34 6.13 -10.10 7.59
C VAL B 34 7.03 -11.05 6.80
N ALA B 35 7.48 -10.58 5.63
CA ALA B 35 8.40 -11.33 4.77
C ALA B 35 9.77 -10.67 4.93
N ILE B 36 10.66 -11.33 5.67
CA ILE B 36 12.01 -10.85 5.98
C ILE B 36 12.99 -11.29 4.88
N LYS B 37 13.64 -10.31 4.23
CA LYS B 37 14.61 -10.54 3.16
C LYS B 37 16.02 -10.16 3.63
N THR B 38 16.81 -11.17 4.02
CA THR B 38 18.19 -11.00 4.52
C THR B 38 19.19 -10.89 3.37
N ILE B 39 20.35 -10.24 3.64
CA ILE B 39 21.43 -10.06 2.66
C ILE B 39 22.47 -11.20 2.76
N ARG B 40 23.43 -11.25 1.81
CA ARG B 40 24.48 -12.26 1.78
C ARG B 40 25.85 -11.64 2.06
N MET B 44 26.91 -7.55 -4.00
CA MET B 44 25.87 -7.21 -3.02
C MET B 44 26.47 -6.45 -1.83
N SER B 45 26.29 -5.11 -1.83
CA SER B 45 26.79 -4.21 -0.79
C SER B 45 25.68 -3.76 0.15
N GLU B 46 26.05 -3.34 1.38
CA GLU B 46 25.14 -2.87 2.42
C GLU B 46 24.46 -1.55 2.07
N GLU B 47 25.23 -0.58 1.50
CA GLU B 47 24.74 0.74 1.10
C GLU B 47 23.73 0.68 -0.05
N ASP B 48 23.96 -0.20 -1.03
CA ASP B 48 23.09 -0.38 -2.20
C ASP B 48 21.74 -1.03 -1.85
N PHE B 49 21.74 -1.97 -0.87
CA PHE B 49 20.55 -2.67 -0.39
C PHE B 49 19.60 -1.73 0.35
N ILE B 50 20.15 -0.75 1.08
CA ILE B 50 19.40 0.25 1.86
C ILE B 50 18.90 1.37 0.93
N GLU B 51 19.68 1.72 -0.11
CA GLU B 51 19.34 2.75 -1.11
C GLU B 51 18.06 2.38 -1.88
N GLU B 52 17.89 1.08 -2.20
CA GLU B 52 16.73 0.53 -2.90
C GLU B 52 15.48 0.56 -2.01
N ALA B 53 15.65 0.39 -0.69
CA ALA B 53 14.57 0.40 0.31
C ALA B 53 14.00 1.80 0.54
N GLU B 54 14.87 2.85 0.46
CA GLU B 54 14.48 4.25 0.63
C GLU B 54 13.59 4.73 -0.53
N VAL B 55 13.85 4.23 -1.75
CA VAL B 55 13.09 4.54 -2.96
C VAL B 55 11.72 3.85 -2.90
N MET B 56 11.69 2.56 -2.46
CA MET B 56 10.48 1.74 -2.32
C MET B 56 9.49 2.30 -1.29
N MET B 57 10.01 2.98 -0.24
CA MET B 57 9.21 3.62 0.81
C MET B 57 8.65 4.97 0.35
N LYS B 58 9.18 5.53 -0.75
CA LYS B 58 8.76 6.81 -1.33
C LYS B 58 7.78 6.65 -2.49
N LEU B 59 7.51 5.40 -2.91
CA LEU B 59 6.58 5.09 -4.01
C LEU B 59 5.35 4.33 -3.50
N SER B 60 4.19 5.01 -3.46
CA SER B 60 2.93 4.43 -2.98
C SER B 60 1.91 4.22 -4.09
N HIS B 61 1.54 2.94 -4.31
CA HIS B 61 0.54 2.51 -5.30
C HIS B 61 -0.05 1.17 -4.87
N PRO B 62 -1.38 0.93 -4.98
CA PRO B 62 -1.96 -0.36 -4.56
C PRO B 62 -1.44 -1.61 -5.28
N LYS B 63 -0.70 -1.42 -6.40
CA LYS B 63 -0.14 -2.51 -7.19
C LYS B 63 1.40 -2.66 -7.03
N LEU B 64 1.94 -2.08 -5.95
CA LEU B 64 3.37 -2.15 -5.61
C LEU B 64 3.53 -2.65 -4.18
N VAL B 65 4.53 -3.52 -3.94
CA VAL B 65 4.82 -4.11 -2.63
C VAL B 65 5.30 -3.03 -1.64
N GLN B 66 4.67 -2.98 -0.47
CA GLN B 66 4.98 -2.02 0.58
C GLN B 66 6.00 -2.54 1.58
N LEU B 67 6.83 -1.62 2.10
CA LEU B 67 7.90 -1.92 3.06
C LEU B 67 7.55 -1.37 4.45
N TYR B 68 7.71 -2.21 5.49
CA TYR B 68 7.45 -1.83 6.89
C TYR B 68 8.62 -1.02 7.44
N GLY B 69 9.84 -1.53 7.25
CA GLY B 69 11.07 -0.91 7.72
C GLY B 69 12.32 -1.70 7.40
N VAL B 70 13.47 -1.24 7.93
CA VAL B 70 14.78 -1.86 7.73
C VAL B 70 15.50 -2.16 9.04
N CYS B 71 16.24 -3.28 9.10
CA CYS B 71 17.02 -3.67 10.27
C CYS B 71 18.49 -3.44 9.97
N LEU B 72 19.14 -2.54 10.75
CA LEU B 72 20.54 -2.15 10.56
C LEU B 72 21.50 -2.53 11.69
N GLU B 73 20.98 -2.77 12.91
CA GLU B 73 21.77 -3.10 14.11
C GLU B 73 22.62 -4.37 14.02
N GLN B 74 22.02 -5.50 13.62
CA GLN B 74 22.73 -6.79 13.51
C GLN B 74 22.97 -7.24 12.08
N ALA B 75 24.15 -7.86 11.83
CA ALA B 75 24.55 -8.38 10.53
C ALA B 75 24.25 -9.90 10.43
N PRO B 76 23.71 -10.41 9.29
CA PRO B 76 23.35 -9.71 8.04
C PRO B 76 22.11 -8.84 8.14
N ILE B 77 22.15 -7.65 7.51
CA ILE B 77 21.04 -6.68 7.49
C ILE B 77 19.84 -7.20 6.67
N CYS B 78 18.62 -6.81 7.07
CA CYS B 78 17.40 -7.27 6.40
C CYS B 78 16.33 -6.21 6.16
N LEU B 79 15.48 -6.45 5.16
CA LEU B 79 14.38 -5.58 4.75
C LEU B 79 13.05 -6.22 5.21
N VAL B 80 12.21 -5.44 5.91
CA VAL B 80 10.92 -5.91 6.43
C VAL B 80 9.81 -5.52 5.45
N PHE B 81 9.25 -6.52 4.76
CA PHE B 81 8.16 -6.35 3.77
C PHE B 81 6.83 -6.87 4.29
N GLU B 82 5.72 -6.42 3.66
CA GLU B 82 4.37 -6.90 3.96
C GLU B 82 4.25 -8.33 3.41
N PHE B 83 3.58 -9.23 4.15
CA PHE B 83 3.45 -10.61 3.70
C PHE B 83 2.38 -10.81 2.62
N MET B 84 2.79 -11.42 1.50
CA MET B 84 1.91 -11.72 0.38
C MET B 84 1.56 -13.20 0.47
N GLU B 85 0.28 -13.49 0.81
CA GLU B 85 -0.30 -14.81 1.05
C GLU B 85 0.04 -15.91 0.04
N HIS B 86 0.04 -15.58 -1.27
CA HIS B 86 0.29 -16.57 -2.32
C HIS B 86 1.69 -16.52 -2.96
N GLY B 87 2.51 -15.59 -2.50
CA GLY B 87 3.90 -15.41 -2.93
C GLY B 87 4.12 -15.16 -4.41
N CYS B 88 5.27 -15.64 -4.92
CA CYS B 88 5.75 -15.54 -6.30
C CYS B 88 4.69 -15.92 -7.34
N LEU B 89 4.49 -15.06 -8.34
CA LEU B 89 3.51 -15.22 -9.43
C LEU B 89 3.77 -16.44 -10.32
N SER B 90 5.04 -16.62 -10.77
CA SER B 90 5.44 -17.74 -11.63
C SER B 90 5.20 -19.11 -10.97
N ASP B 91 5.41 -19.20 -9.65
CA ASP B 91 5.18 -20.42 -8.86
C ASP B 91 3.68 -20.66 -8.64
N TYR B 92 2.91 -19.59 -8.41
CA TYR B 92 1.46 -19.62 -8.20
C TYR B 92 0.72 -20.10 -9.45
N LEU B 93 1.20 -19.68 -10.64
CA LEU B 93 0.62 -20.06 -11.93
C LEU B 93 0.83 -21.55 -12.23
N ARG B 94 2.03 -22.08 -11.91
CA ARG B 94 2.41 -23.48 -12.11
C ARG B 94 1.65 -24.44 -11.19
N THR B 95 1.47 -24.06 -9.91
CA THR B 95 0.76 -24.87 -8.90
C THR B 95 -0.75 -24.95 -9.17
N GLN B 96 -1.34 -23.84 -9.65
CA GLN B 96 -2.77 -23.74 -9.94
C GLN B 96 -3.06 -23.83 -11.46
N ARG B 97 -2.17 -24.48 -12.23
CA ARG B 97 -2.27 -24.66 -13.68
C ARG B 97 -3.53 -25.47 -14.07
N GLY B 98 -4.26 -24.93 -15.05
CA GLY B 98 -5.49 -25.54 -15.56
C GLY B 98 -6.76 -25.03 -14.88
N LEU B 99 -6.60 -24.43 -13.68
CA LEU B 99 -7.71 -23.89 -12.88
C LEU B 99 -7.99 -22.42 -13.19
N PHE B 100 -7.16 -21.79 -14.05
CA PHE B 100 -7.28 -20.39 -14.44
C PHE B 100 -8.15 -20.17 -15.67
N ALA B 101 -8.85 -19.02 -15.69
CA ALA B 101 -9.71 -18.58 -16.80
C ALA B 101 -8.98 -17.44 -17.52
N ALA B 102 -9.26 -17.27 -18.84
CA ALA B 102 -8.66 -16.23 -19.69
C ALA B 102 -8.86 -14.81 -19.13
N GLU B 103 -9.99 -14.57 -18.45
CA GLU B 103 -10.37 -13.30 -17.82
C GLU B 103 -9.49 -13.03 -16.58
N THR B 104 -9.20 -14.09 -15.79
CA THR B 104 -8.38 -14.03 -14.58
C THR B 104 -6.92 -13.71 -14.92
N LEU B 105 -6.38 -14.34 -15.99
CA LEU B 105 -5.01 -14.14 -16.46
C LEU B 105 -4.79 -12.72 -16.99
N LEU B 106 -5.82 -12.16 -17.67
CA LEU B 106 -5.80 -10.80 -18.21
C LEU B 106 -5.84 -9.78 -17.07
N GLY B 107 -6.60 -10.09 -16.01
CA GLY B 107 -6.72 -9.28 -14.80
C GLY B 107 -5.41 -9.16 -14.05
N MET B 108 -4.58 -10.23 -14.12
CA MET B 108 -3.25 -10.30 -13.51
C MET B 108 -2.28 -9.39 -14.28
N CYS B 109 -2.39 -9.36 -15.62
CA CYS B 109 -1.57 -8.53 -16.52
C CYS B 109 -1.91 -7.04 -16.34
N LEU B 110 -3.19 -6.73 -16.09
CA LEU B 110 -3.67 -5.36 -15.85
C LEU B 110 -3.13 -4.82 -14.53
N ASP B 111 -3.02 -5.68 -13.50
CA ASP B 111 -2.48 -5.34 -12.17
C ASP B 111 -1.01 -4.91 -12.28
N VAL B 112 -0.20 -5.68 -13.04
CA VAL B 112 1.22 -5.41 -13.27
C VAL B 112 1.37 -4.10 -14.05
N CYS B 113 0.53 -3.90 -15.09
CA CYS B 113 0.51 -2.71 -15.93
C CYS B 113 0.17 -1.43 -15.15
N GLU B 114 -0.73 -1.54 -14.14
CA GLU B 114 -1.15 -0.44 -13.25
C GLU B 114 0.03 0.10 -12.44
N GLY B 115 0.81 -0.81 -11.85
CA GLY B 115 1.98 -0.48 -11.05
C GLY B 115 3.12 0.05 -11.89
N MET B 116 3.29 -0.49 -13.10
CA MET B 116 4.33 -0.07 -14.05
C MET B 116 4.04 1.30 -14.65
N ALA B 117 2.75 1.67 -14.79
CA ALA B 117 2.31 2.97 -15.31
C ALA B 117 2.65 4.08 -14.31
N TYR B 118 2.58 3.77 -13.00
CA TYR B 118 2.90 4.67 -11.90
C TYR B 118 4.41 4.93 -11.87
N LEU B 119 5.23 3.85 -12.02
CA LEU B 119 6.69 3.92 -12.05
C LEU B 119 7.20 4.68 -13.29
N GLU B 120 6.48 4.54 -14.42
CA GLU B 120 6.76 5.21 -15.70
C GLU B 120 6.54 6.73 -15.53
N GLU B 121 5.48 7.12 -14.81
CA GLU B 121 5.15 8.52 -14.53
C GLU B 121 6.13 9.12 -13.51
N ALA B 122 6.63 8.29 -12.57
CA ALA B 122 7.58 8.67 -11.54
C ALA B 122 9.04 8.59 -12.05
N CYS B 123 9.22 8.21 -13.34
CA CYS B 123 10.50 8.05 -14.05
C CYS B 123 11.45 7.03 -13.38
N VAL B 124 10.89 5.91 -12.92
CA VAL B 124 11.61 4.82 -12.26
C VAL B 124 11.65 3.61 -13.20
N ILE B 125 12.86 3.16 -13.56
CA ILE B 125 13.08 2.01 -14.44
C ILE B 125 13.27 0.78 -13.54
N HIS B 126 12.46 -0.28 -13.77
CA HIS B 126 12.49 -1.53 -13.00
C HIS B 126 13.78 -2.31 -13.20
N ARG B 127 14.21 -2.48 -14.49
CA ARG B 127 15.42 -3.19 -14.93
C ARG B 127 15.38 -4.73 -14.88
N ASP B 128 14.43 -5.32 -14.14
CA ASP B 128 14.29 -6.77 -14.01
C ASP B 128 12.82 -7.22 -13.84
N LEU B 129 11.94 -6.77 -14.77
CA LEU B 129 10.52 -7.12 -14.74
C LEU B 129 10.27 -8.53 -15.29
N ALA B 130 9.87 -9.44 -14.39
CA ALA B 130 9.57 -10.85 -14.68
C ALA B 130 8.52 -11.35 -13.70
N ALA B 131 7.87 -12.50 -14.02
CA ALA B 131 6.85 -13.13 -13.18
C ALA B 131 7.37 -13.51 -11.79
N ARG B 132 8.68 -13.85 -11.70
CA ARG B 132 9.36 -14.20 -10.45
C ARG B 132 9.47 -13.00 -9.49
N ASN B 133 9.48 -11.77 -10.04
CA ASN B 133 9.56 -10.53 -9.27
C ASN B 133 8.16 -9.88 -9.05
N CYS B 134 7.09 -10.69 -9.17
CA CYS B 134 5.71 -10.29 -8.96
C CYS B 134 5.09 -11.17 -7.88
N LEU B 135 4.36 -10.54 -6.93
CA LEU B 135 3.75 -11.27 -5.82
C LEU B 135 2.23 -11.27 -5.85
N VAL B 136 1.63 -12.39 -5.39
CA VAL B 136 0.18 -12.61 -5.35
C VAL B 136 -0.32 -12.50 -3.90
N GLY B 137 -1.34 -11.67 -3.70
CA GLY B 137 -1.96 -11.48 -2.39
C GLY B 137 -3.35 -12.09 -2.33
N GLU B 138 -4.18 -11.62 -1.40
CA GLU B 138 -5.56 -12.11 -1.23
C GLU B 138 -6.45 -11.62 -2.36
N ASN B 139 -7.36 -12.50 -2.84
CA ASN B 139 -8.30 -12.28 -3.94
C ASN B 139 -7.59 -12.11 -5.30
N GLN B 140 -6.44 -12.83 -5.45
CA GLN B 140 -5.58 -12.88 -6.65
C GLN B 140 -5.02 -11.52 -7.13
N VAL B 141 -4.81 -10.58 -6.18
CA VAL B 141 -4.27 -9.25 -6.46
C VAL B 141 -2.75 -9.37 -6.65
N ILE B 142 -2.24 -8.87 -7.79
CA ILE B 142 -0.82 -8.92 -8.13
C ILE B 142 -0.12 -7.60 -7.81
N LYS B 143 1.07 -7.68 -7.21
CA LYS B 143 1.90 -6.55 -6.84
C LYS B 143 3.31 -6.70 -7.41
N VAL B 144 3.90 -5.59 -7.89
CA VAL B 144 5.24 -5.57 -8.49
C VAL B 144 6.30 -5.35 -7.39
N SER B 145 7.31 -6.24 -7.35
CA SER B 145 8.42 -6.23 -6.39
C SER B 145 9.76 -5.98 -7.11
N ASP B 146 10.84 -5.68 -6.34
CA ASP B 146 12.20 -5.41 -6.82
C ASP B 146 12.31 -4.17 -7.75
N PHE B 147 11.44 -3.17 -7.53
CA PHE B 147 11.39 -1.94 -8.31
C PHE B 147 12.39 -0.86 -7.85
N GLY B 148 13.02 -1.07 -6.70
CA GLY B 148 14.00 -0.17 -6.12
C GLY B 148 15.41 -0.44 -6.61
N PRO B 167 19.48 -12.28 -16.43
CA PRO B 167 19.03 -13.06 -17.60
C PRO B 167 18.63 -12.18 -18.78
N VAL B 168 19.03 -12.61 -20.00
CA VAL B 168 18.73 -11.90 -21.25
C VAL B 168 17.37 -12.27 -21.87
N LYS B 169 16.67 -13.26 -21.27
CA LYS B 169 15.36 -13.76 -21.70
C LYS B 169 14.25 -12.70 -21.63
N TRP B 170 14.32 -11.80 -20.64
CA TRP B 170 13.36 -10.71 -20.41
C TRP B 170 13.90 -9.39 -20.97
N ALA B 171 15.20 -9.34 -21.34
CA ALA B 171 15.88 -8.16 -21.85
C ALA B 171 15.57 -7.83 -23.32
N SER B 172 15.41 -6.54 -23.62
CA SER B 172 15.16 -5.99 -24.95
C SER B 172 16.48 -5.89 -25.75
N PRO B 173 16.45 -5.78 -27.11
CA PRO B 173 17.73 -5.68 -27.87
C PRO B 173 18.70 -4.57 -27.45
N GLU B 174 18.17 -3.46 -26.89
CA GLU B 174 18.99 -2.32 -26.41
C GLU B 174 19.73 -2.69 -25.13
N VAL B 175 19.16 -3.60 -24.32
CA VAL B 175 19.71 -4.06 -23.05
C VAL B 175 20.80 -5.13 -23.22
N PHE B 176 20.51 -6.21 -23.97
CA PHE B 176 21.50 -7.29 -24.18
C PHE B 176 22.65 -6.96 -25.14
N SER B 177 22.59 -5.81 -25.85
CA SER B 177 23.63 -5.40 -26.79
C SER B 177 24.33 -4.10 -26.42
N PHE B 178 23.59 -3.11 -25.85
CA PHE B 178 24.14 -1.79 -25.51
C PHE B 178 23.85 -1.32 -24.07
N SER B 179 23.09 -2.13 -23.29
CA SER B 179 22.67 -1.85 -21.90
C SER B 179 21.91 -0.52 -21.74
N ARG B 180 21.11 -0.16 -22.77
CA ARG B 180 20.30 1.05 -22.77
C ARG B 180 18.98 0.80 -22.05
N TYR B 181 18.85 1.34 -20.83
CA TYR B 181 17.66 1.19 -19.99
C TYR B 181 16.73 2.39 -20.08
N SER B 182 15.42 2.12 -20.21
CA SER B 182 14.34 3.10 -20.29
C SER B 182 13.01 2.43 -19.90
N SER B 183 11.90 3.19 -19.94
CA SER B 183 10.56 2.65 -19.63
C SER B 183 10.11 1.70 -20.74
N LYS B 184 10.58 1.94 -21.98
CA LYS B 184 10.27 1.12 -23.16
C LYS B 184 10.97 -0.24 -23.14
N SER B 185 12.09 -0.37 -22.40
CA SER B 185 12.80 -1.65 -22.26
C SER B 185 12.02 -2.55 -21.28
N ASP B 186 11.33 -1.94 -20.30
CA ASP B 186 10.47 -2.61 -19.32
C ASP B 186 9.20 -3.12 -20.00
N VAL B 187 8.76 -2.42 -21.09
CA VAL B 187 7.59 -2.77 -21.90
C VAL B 187 7.83 -4.13 -22.57
N TRP B 188 9.08 -4.35 -23.08
CA TRP B 188 9.51 -5.61 -23.69
C TRP B 188 9.46 -6.72 -22.63
N SER B 189 9.96 -6.43 -21.40
CA SER B 189 9.95 -7.34 -20.26
C SER B 189 8.52 -7.69 -19.84
N PHE B 190 7.59 -6.71 -19.96
CA PHE B 190 6.16 -6.87 -19.67
C PHE B 190 5.51 -7.81 -20.68
N GLY B 191 5.98 -7.77 -21.93
CA GLY B 191 5.52 -8.63 -23.02
C GLY B 191 5.86 -10.08 -22.73
N VAL B 192 7.08 -10.32 -22.19
CA VAL B 192 7.58 -11.64 -21.78
C VAL B 192 6.82 -12.07 -20.51
N LEU B 193 6.49 -11.10 -19.62
CA LEU B 193 5.72 -11.32 -18.39
C LEU B 193 4.30 -11.77 -18.76
N MET B 194 3.71 -11.14 -19.79
CA MET B 194 2.38 -11.46 -20.32
C MET B 194 2.34 -12.89 -20.87
N TRP B 195 3.45 -13.33 -21.51
CA TRP B 195 3.61 -14.67 -22.06
C TRP B 195 3.64 -15.70 -20.92
N GLU B 196 4.36 -15.38 -19.82
CA GLU B 196 4.50 -16.23 -18.63
C GLU B 196 3.16 -16.50 -17.96
N VAL B 197 2.26 -15.49 -17.93
CA VAL B 197 0.93 -15.56 -17.32
C VAL B 197 -0.04 -16.41 -18.15
N PHE B 198 -0.17 -16.10 -19.45
CA PHE B 198 -1.06 -16.81 -20.38
C PHE B 198 -0.67 -18.27 -20.67
N SER B 199 0.61 -18.62 -20.45
CA SER B 199 1.11 -19.99 -20.63
C SER B 199 1.08 -20.74 -19.28
N GLU B 200 0.60 -20.06 -18.22
CA GLU B 200 0.44 -20.56 -16.84
C GLU B 200 1.75 -20.98 -16.16
N GLY B 201 2.71 -20.07 -16.14
CA GLY B 201 4.01 -20.26 -15.49
C GLY B 201 5.06 -21.03 -16.27
N LYS B 202 5.04 -20.95 -17.62
CA LYS B 202 6.03 -21.63 -18.46
C LYS B 202 7.32 -20.80 -18.56
N ILE B 203 8.46 -21.47 -18.73
CA ILE B 203 9.77 -20.83 -18.83
C ILE B 203 9.98 -20.25 -20.26
N PRO B 204 10.29 -18.93 -20.39
CA PRO B 204 10.53 -18.38 -21.75
C PRO B 204 11.91 -18.80 -22.26
N TYR B 205 11.95 -19.37 -23.49
CA TYR B 205 13.14 -19.88 -24.17
C TYR B 205 13.81 -20.99 -23.31
N GLU B 206 13.02 -22.01 -22.95
CA GLU B 206 13.43 -23.14 -22.12
C GLU B 206 14.51 -24.00 -22.80
N ASN B 207 15.55 -24.38 -22.03
CA ASN B 207 16.72 -25.18 -22.45
C ASN B 207 17.55 -24.51 -23.57
N ARG B 208 17.40 -23.18 -23.73
CA ARG B 208 18.11 -22.37 -24.71
C ARG B 208 19.10 -21.47 -23.96
N SER B 209 20.37 -21.47 -24.41
CA SER B 209 21.44 -20.66 -23.82
C SER B 209 21.29 -19.17 -24.15
N ASN B 210 22.02 -18.31 -23.41
CA ASN B 210 22.02 -16.85 -23.57
C ASN B 210 22.44 -16.39 -24.97
N SER B 211 23.36 -17.13 -25.62
CA SER B 211 23.84 -16.84 -26.97
C SER B 211 22.81 -17.22 -28.02
N GLU B 212 22.04 -18.31 -27.77
CA GLU B 212 21.00 -18.82 -28.66
C GLU B 212 19.80 -17.88 -28.76
N VAL B 213 19.33 -17.35 -27.62
CA VAL B 213 18.19 -16.42 -27.53
C VAL B 213 18.50 -15.06 -28.18
N VAL B 214 19.73 -14.55 -28.01
CA VAL B 214 20.20 -13.29 -28.59
C VAL B 214 20.20 -13.32 -30.12
N GLU B 215 20.61 -14.46 -30.71
CA GLU B 215 20.65 -14.67 -32.16
C GLU B 215 19.24 -14.87 -32.73
N ASP B 216 18.33 -15.47 -31.93
CA ASP B 216 16.93 -15.73 -32.31
C ASP B 216 16.11 -14.44 -32.46
N ILE B 217 16.26 -13.50 -31.51
CA ILE B 217 15.57 -12.20 -31.50
C ILE B 217 16.02 -11.33 -32.69
N SER B 218 17.34 -11.31 -32.96
CA SER B 218 17.97 -10.56 -34.06
C SER B 218 17.46 -10.96 -35.44
N THR B 219 17.21 -12.28 -35.65
CA THR B 219 16.70 -12.83 -36.92
C THR B 219 15.24 -12.45 -37.16
N GLY B 220 14.43 -12.46 -36.10
CA GLY B 220 13.01 -12.13 -36.16
C GLY B 220 12.09 -13.02 -35.35
N PHE B 221 12.64 -14.08 -34.73
CA PHE B 221 11.88 -15.04 -33.91
C PHE B 221 11.38 -14.43 -32.60
N ARG B 222 10.12 -14.71 -32.26
CA ARG B 222 9.44 -14.27 -31.04
C ARG B 222 8.75 -15.46 -30.35
N LEU B 223 8.42 -15.32 -29.05
CA LEU B 223 7.75 -16.36 -28.25
C LEU B 223 6.39 -16.72 -28.85
N TYR B 224 6.07 -18.03 -28.91
CA TYR B 224 4.83 -18.57 -29.47
C TYR B 224 3.57 -18.10 -28.74
N LYS B 225 2.43 -18.08 -29.47
CA LYS B 225 1.13 -17.68 -28.95
C LYS B 225 0.58 -18.76 -28.00
N PRO B 226 0.40 -18.46 -26.68
CA PRO B 226 -0.15 -19.47 -25.76
C PRO B 226 -1.62 -19.75 -26.03
N ARG B 227 -2.08 -20.97 -25.71
CA ARG B 227 -3.45 -21.45 -25.92
C ARG B 227 -4.53 -20.57 -25.28
N LEU B 228 -4.28 -20.09 -24.04
CA LEU B 228 -5.21 -19.24 -23.29
C LEU B 228 -5.29 -17.80 -23.83
N ALA B 229 -4.22 -17.33 -24.52
CA ALA B 229 -4.15 -15.99 -25.08
C ALA B 229 -4.88 -15.89 -26.42
N SER B 230 -5.69 -14.82 -26.59
CA SER B 230 -6.44 -14.56 -27.82
C SER B 230 -5.60 -13.79 -28.85
N THR B 231 -6.13 -13.61 -30.08
CA THR B 231 -5.47 -12.91 -31.18
C THR B 231 -5.14 -11.45 -30.82
N HIS B 232 -6.06 -10.76 -30.12
CA HIS B 232 -5.88 -9.38 -29.67
C HIS B 232 -4.81 -9.26 -28.58
N VAL B 233 -4.77 -10.25 -27.65
CA VAL B 233 -3.81 -10.33 -26.54
C VAL B 233 -2.39 -10.51 -27.09
N TYR B 234 -2.21 -11.47 -28.04
CA TYR B 234 -0.92 -11.75 -28.68
C TYR B 234 -0.43 -10.59 -29.54
N GLN B 235 -1.36 -9.78 -30.10
CA GLN B 235 -1.06 -8.60 -30.90
C GLN B 235 -0.42 -7.53 -29.99
N ILE B 236 -0.95 -7.37 -28.76
CA ILE B 236 -0.46 -6.45 -27.73
C ILE B 236 0.95 -6.89 -27.29
N MET B 237 1.15 -8.21 -27.12
CA MET B 237 2.43 -8.83 -26.76
C MET B 237 3.50 -8.54 -27.81
N ASN B 238 3.13 -8.62 -29.11
CA ASN B 238 4.02 -8.35 -30.24
C ASN B 238 4.36 -6.87 -30.38
N HIS B 239 3.44 -5.97 -29.94
CA HIS B 239 3.65 -4.52 -29.95
C HIS B 239 4.70 -4.14 -28.90
N CYS B 240 4.75 -4.92 -27.79
CA CYS B 240 5.74 -4.78 -26.72
C CYS B 240 7.08 -5.30 -27.24
N TRP B 241 7.05 -6.28 -28.17
CA TRP B 241 8.21 -6.92 -28.77
C TRP B 241 8.73 -6.27 -30.07
N LYS B 242 8.46 -4.96 -30.26
CA LYS B 242 8.94 -4.22 -31.44
C LYS B 242 10.44 -3.95 -31.29
N GLU B 243 11.19 -4.02 -32.41
CA GLU B 243 12.65 -3.83 -32.47
C GLU B 243 13.12 -2.48 -31.90
N ARG B 244 12.47 -1.38 -32.35
CA ARG B 244 12.79 -0.02 -31.89
C ARG B 244 11.99 0.34 -30.63
N PRO B 245 12.60 1.05 -29.64
CA PRO B 245 11.84 1.40 -28.42
C PRO B 245 10.72 2.40 -28.66
N GLU B 246 10.88 3.30 -29.65
CA GLU B 246 9.89 4.32 -30.01
C GLU B 246 8.59 3.73 -30.55
N ASP B 247 8.67 2.58 -31.24
CA ASP B 247 7.52 1.88 -31.81
C ASP B 247 6.67 1.18 -30.74
N ARG B 248 7.30 0.80 -29.60
CA ARG B 248 6.64 0.14 -28.47
C ARG B 248 5.69 1.11 -27.75
N PRO B 249 4.48 0.67 -27.33
CA PRO B 249 3.59 1.59 -26.61
C PRO B 249 3.99 1.75 -25.15
N ALA B 250 3.67 2.92 -24.57
CA ALA B 250 3.95 3.22 -23.15
C ALA B 250 2.99 2.45 -22.25
N PHE B 251 3.36 2.29 -20.95
CA PHE B 251 2.54 1.59 -19.95
C PHE B 251 1.17 2.25 -19.74
N SER B 252 1.09 3.59 -19.94
CA SER B 252 -0.15 4.37 -19.82
C SER B 252 -1.12 4.01 -20.94
N ARG B 253 -0.61 3.82 -22.18
CA ARG B 253 -1.40 3.42 -23.35
C ARG B 253 -1.77 1.94 -23.26
N LEU B 254 -0.81 1.07 -22.86
CA LEU B 254 -0.99 -0.38 -22.70
C LEU B 254 -2.10 -0.74 -21.72
N LEU B 255 -2.28 0.07 -20.67
CA LEU B 255 -3.31 -0.12 -19.64
C LEU B 255 -4.71 0.00 -20.22
N ARG B 256 -4.96 1.01 -21.07
CA ARG B 256 -6.24 1.25 -21.73
C ARG B 256 -6.50 0.20 -22.81
N GLN B 257 -5.45 -0.22 -23.53
CA GLN B 257 -5.53 -1.25 -24.59
C GLN B 257 -5.94 -2.60 -24.00
N LEU B 258 -5.35 -2.97 -22.83
CA LEU B 258 -5.67 -4.21 -22.13
C LEU B 258 -7.06 -4.19 -21.50
N ALA B 259 -7.51 -3.01 -21.02
CA ALA B 259 -8.83 -2.81 -20.41
C ALA B 259 -9.96 -2.95 -21.44
N GLU B 260 -9.71 -2.56 -22.70
CA GLU B 260 -10.66 -2.64 -23.81
C GLU B 260 -10.98 -4.10 -24.19
N ILE B 261 -9.98 -5.00 -24.06
CA ILE B 261 -10.11 -6.44 -24.34
C ILE B 261 -10.96 -7.09 -23.25
N ALA B 262 -10.75 -6.67 -21.98
CA ALA B 262 -11.49 -7.16 -20.81
C ALA B 262 -12.96 -6.76 -20.84
N GLU B 263 -13.26 -5.56 -21.38
CA GLU B 263 -14.62 -5.02 -21.50
C GLU B 263 -15.45 -5.75 -22.57
N SER B 264 -14.78 -6.28 -23.62
CA SER B 264 -15.45 -6.99 -24.72
C SER B 264 -15.07 -8.48 -24.78
N GLY B 265 -13.90 -8.78 -25.35
CA GLY B 265 -13.40 -10.15 -25.50
C GLY B 265 -12.16 -10.25 -26.37
CBB 0G2 C . -19.97 -2.32 5.20
CAY 0G2 C . -19.02 -1.17 4.84
CAS 0G2 C . -19.49 -0.39 3.61
CAZ 0G2 C . -19.47 -1.32 2.39
CBC 0G2 C . -19.98 -0.61 1.12
OBA 0G2 C . -20.83 0.06 3.82
CAH 0G2 C . -18.54 0.80 3.38
CAI 0G2 C . -17.26 0.59 2.86
CAG 0G2 C . -18.94 2.10 3.72
CAF 0G2 C . -18.08 3.18 3.53
CAE 0G2 C . -16.80 2.95 3.00
CAB 0G2 C . -15.80 3.77 2.71
CAD 0G2 C . -16.41 1.67 2.65
NAC 0G2 C . -15.16 1.77 2.19
CAA 0G2 C . -14.79 3.04 2.21
CAJ 0G2 C . -13.56 3.53 1.78
NAK 0G2 C . -12.57 2.86 1.20
NAL 0G2 C . -11.61 3.62 0.96
CAN 0G2 C . -11.86 4.87 1.36
CAO 0G2 C . -11.29 6.10 1.38
CAM 0G2 C . -13.14 4.84 1.90
SAQ 0G2 C . -13.50 6.39 2.42
CAP 0G2 C . -12.04 7.08 1.94
CAR 0G2 C . -11.71 8.42 2.15
CAT 0G2 C . -10.40 8.86 1.98
CAU 0G2 C . -10.07 10.19 2.20
CAV 0G2 C . -11.05 11.10 2.60
CAW 0G2 C . -12.37 10.67 2.77
CAX 0G2 C . -12.69 9.33 2.55
S SO4 D . 6.68 -26.65 -16.90
O1 SO4 D . 7.74 -26.16 -17.78
O2 SO4 D . 6.11 -25.54 -16.14
O3 SO4 D . 5.63 -27.29 -17.71
O4 SO4 D . 7.23 -27.64 -15.99
CBB 0G2 E . 4.06 -19.06 2.86
CAY 0G2 E . 4.54 -19.99 1.74
CAS 0G2 E . 4.23 -19.45 0.33
CAZ 0G2 E . 2.72 -19.14 0.23
CBC 0G2 E . 2.09 -19.63 -1.09
OBA 0G2 E . 4.59 -20.48 -0.61
CAH 0G2 E . 5.08 -18.19 0.06
CAI 0G2 E . 4.63 -16.92 0.43
CAG 0G2 E . 6.33 -18.32 -0.55
CAF 0G2 E . 7.12 -17.20 -0.80
CAE 0G2 E . 6.67 -15.94 -0.43
CAB 0G2 E . 7.19 -14.73 -0.53
CAD 0G2 E . 5.43 -15.79 0.20
NAC 0G2 E . 5.26 -14.50 0.42
CAA 0G2 E . 6.34 -13.84 -0.01
CAJ 0G2 E . 6.53 -12.46 0.07
NAK 0G2 E . 5.74 -11.54 0.61
NAL 0G2 E . 6.23 -10.41 0.50
CAN 0G2 E . 7.45 -10.46 -0.09
CAO 0G2 E . 8.46 -9.65 -0.49
CAM 0G2 E . 7.65 -11.80 -0.39
SAQ 0G2 E . 9.14 -11.91 -1.15
CAP 0G2 E . 9.50 -10.27 -1.08
CAR 0G2 E . 10.67 -9.72 -1.62
CAT 0G2 E . 10.75 -8.34 -1.86
CAU 0G2 E . 11.91 -7.81 -2.42
CAV 0G2 E . 12.99 -8.63 -2.74
CAW 0G2 E . 12.92 -10.00 -2.50
CAX 0G2 E . 11.75 -10.55 -1.95
#